data_4UPA
#
_entry.id   4UPA
#
_cell.length_a   156.820
_cell.length_b   156.820
_cell.length_c   94.132
_cell.angle_alpha   90.00
_cell.angle_beta   90.00
_cell.angle_gamma   120.00
#
_symmetry.space_group_name_H-M   'P 62'
#
loop_
_entity.id
_entity.type
_entity.pdbx_description
1 polymer 'LYSINE--TRNA LIGASE'
2 non-polymer 'PHOSPHOAMINOPHOSPHONIC ACID-ADENYLATE ESTER'
#
_entity_poly.entity_id   1
_entity_poly.type   'polypeptide(L)'
_entity_poly.pdbx_seq_one_letter_code
;MHHHHHHMLSKQLFLNRCKDVEEYQKAGHNPWPHKFNVSITVPEFIAKYSGLEKSQVSDDIVSVAGRVLSKRSSSSALMF
IDLHDSQTKLQIMLNKSAYENKEDFVSLTKMIYRGDICGFTGHPTRTKTGELSLIPISGMILSPCLHMLPSMHYGLGDQE
TRFRKRYLDLIVNPESVKNFVLRTKVVKAVRKYLDDKGFLEVETPILNTIPGGATARPFITHHNQLDIQMYMRIAPELYL
KELVVGGINRVYEIGRLFRNEGIDQTHNPEFTTCEFYMAYADYNDIMKMTEELLGNMVKDITGGSTKLEIKDRLMDINNE
EDIKMLEKFFKEPIPRPFNSAECSKVIEKHCTELNYYYDGNNEKAMKKLFADFVTEKKMVLDFTAPFKRISYVHALEEKF
GEKIPRPLDGPEALTFLKKQAIRFNAICAEPQTTARVMDKLFGDLIEVDLVQPTFVCDQPQLMSPLAKYHRSEPELTERF
ELFILKREIANAYTELNNPIVQRSNFEQQAKDKAAGDDEAQLVDEVFLDAIEHAFPPTGGWGLGIDRLAMLLADVDNIKE
VILFPTMRPEDELEKKAREAKEDAMVAQEKAATEEKGGKKVVKPKANKQQPVKEVLDGFQLEIRVGKIVEAGPHPNSEHL
LALKVDVGEEKPRSVVAGLAEHYKPEELLNQKATFVCNLKPSKLRGVASEAMILAATSLDGTKVKFCHPSADAAIGAQVI
PKEGKVTISAKKISIDVVGKMNLALKGGLVRTNDVPLIVKDTELTVTVDEVIDGTVR
;
_entity_poly.pdbx_strand_id   A
#
loop_
_chem_comp.id
_chem_comp.type
_chem_comp.name
_chem_comp.formula
ANP non-polymer 'PHOSPHOAMINOPHOSPHONIC ACID-ADENYLATE ESTER' 'C10 H17 N6 O12 P3'
#
# COMPACT_ATOMS: atom_id res chain seq x y z
N HIS A 5 30.85 -26.43 0.82
CA HIS A 5 31.07 -25.47 1.91
C HIS A 5 30.28 -24.20 1.69
N HIS A 6 29.01 -24.41 1.36
CA HIS A 6 27.97 -23.40 1.22
C HIS A 6 28.18 -22.13 2.08
N HIS A 7 28.12 -20.96 1.42
CA HIS A 7 28.12 -19.65 2.09
C HIS A 7 29.37 -19.34 2.93
N MET A 8 30.50 -19.98 2.63
CA MET A 8 31.71 -19.85 3.46
C MET A 8 32.27 -18.43 3.56
N LEU A 9 32.30 -17.71 2.44
CA LEU A 9 32.90 -16.37 2.41
C LEU A 9 32.09 -15.34 3.20
N SER A 10 30.79 -15.55 3.29
CA SER A 10 29.92 -14.61 4.02
C SER A 10 30.00 -14.82 5.51
N LYS A 11 30.11 -16.09 5.92
CA LYS A 11 30.37 -16.43 7.32
C LYS A 11 31.73 -15.91 7.73
N GLN A 12 32.69 -16.01 6.81
CA GLN A 12 34.04 -15.51 7.06
C GLN A 12 34.01 -13.99 7.24
N LEU A 13 33.31 -13.30 6.34
CA LEU A 13 33.19 -11.86 6.43
C LEU A 13 32.48 -11.44 7.73
N PHE A 14 31.43 -12.16 8.10
CA PHE A 14 30.73 -11.84 9.34
C PHE A 14 31.63 -12.00 10.55
N LEU A 15 32.29 -13.15 10.63
CA LEU A 15 33.22 -13.45 11.72
C LEU A 15 34.31 -12.38 11.86
N ASN A 16 35.05 -12.15 10.77
CA ASN A 16 36.07 -11.12 10.75
C ASN A 16 35.54 -9.72 11.07
N ARG A 17 34.30 -9.44 10.69
CA ARG A 17 33.72 -8.13 10.94
C ARG A 17 33.41 -7.95 12.43
N CYS A 18 32.90 -9.02 13.05
CA CYS A 18 32.74 -9.03 14.50
C CYS A 18 34.10 -8.84 15.21
N LYS A 19 35.14 -9.52 14.71
CA LYS A 19 36.50 -9.32 15.24
C LYS A 19 36.92 -7.86 15.16
N ASP A 20 36.76 -7.27 13.98
CA ASP A 20 37.07 -5.87 13.76
C ASP A 20 36.39 -4.98 14.81
N VAL A 21 35.10 -5.21 15.02
CA VAL A 21 34.37 -4.37 15.96
C VAL A 21 34.88 -4.57 17.40
N GLU A 22 35.15 -5.81 17.78
CA GLU A 22 35.65 -6.05 19.13
C GLU A 22 37.03 -5.43 19.36
N GLU A 23 37.89 -5.49 18.35
CA GLU A 23 39.21 -4.89 18.46
C GLU A 23 39.08 -3.37 18.51
N TYR A 24 38.10 -2.85 17.81
CA TYR A 24 37.85 -1.42 17.81
C TYR A 24 37.42 -0.97 19.19
N GLN A 25 36.70 -1.85 19.88
CA GLN A 25 36.21 -1.54 21.21
C GLN A 25 37.28 -1.75 22.27
N LYS A 26 38.22 -2.66 22.00
CA LYS A 26 39.32 -2.92 22.90
C LYS A 26 40.29 -1.74 22.89
N ALA A 27 40.32 -1.00 21.77
CA ALA A 27 41.20 0.15 21.62
C ALA A 27 40.59 1.40 22.24
N GLY A 28 39.44 1.25 22.87
CA GLY A 28 38.79 2.36 23.55
C GLY A 28 37.80 3.15 22.71
N HIS A 29 37.20 2.48 21.72
CA HIS A 29 36.18 3.12 20.90
C HIS A 29 34.86 2.38 21.05
N ASN A 30 33.80 3.12 21.38
CA ASN A 30 32.47 2.52 21.48
C ASN A 30 31.79 2.47 20.12
N PRO A 31 31.55 1.25 19.61
CA PRO A 31 30.92 1.09 18.29
C PRO A 31 29.44 1.47 18.31
N TRP A 32 28.83 1.49 19.50
CA TRP A 32 27.42 1.86 19.63
C TRP A 32 27.21 2.97 20.67
N PRO A 33 27.65 4.20 20.36
CA PRO A 33 27.40 5.33 21.26
C PRO A 33 25.91 5.55 21.52
N HIS A 34 25.58 6.04 22.71
CA HIS A 34 24.18 6.14 23.12
C HIS A 34 23.47 7.29 22.42
N LYS A 35 24.11 8.44 22.34
CA LYS A 35 23.47 9.62 21.76
C LYS A 35 24.45 10.44 20.95
N PHE A 36 24.08 10.69 19.70
CA PHE A 36 24.77 11.64 18.86
C PHE A 36 23.74 12.71 18.47
N ASN A 37 24.11 13.98 18.65
CA ASN A 37 23.18 15.07 18.35
C ASN A 37 23.25 15.51 16.90
N VAL A 38 22.23 15.15 16.14
CA VAL A 38 22.14 15.63 14.77
C VAL A 38 21.47 17.00 14.73
N SER A 39 22.19 18.00 14.23
CA SER A 39 21.66 19.36 14.20
C SER A 39 20.86 19.61 12.92
N ILE A 40 21.12 18.81 11.89
CA ILE A 40 20.47 19.03 10.60
C ILE A 40 20.40 17.74 9.78
N THR A 41 19.27 17.55 9.10
CA THR A 41 19.10 16.41 8.20
C THR A 41 19.67 16.79 6.84
N VAL A 42 20.09 15.81 6.04
CA VAL A 42 20.76 16.19 4.78
C VAL A 42 19.79 16.79 3.76
N PRO A 43 18.48 16.48 3.83
CA PRO A 43 17.66 17.30 2.93
C PRO A 43 17.66 18.77 3.36
N GLU A 44 17.61 19.01 4.68
CA GLU A 44 17.66 20.38 5.22
C GLU A 44 18.99 21.03 4.92
N PHE A 45 20.05 20.25 5.06
CA PHE A 45 21.40 20.66 4.71
C PHE A 45 21.44 21.18 3.30
N ILE A 46 20.93 20.36 2.37
CA ILE A 46 20.96 20.72 0.97
C ILE A 46 20.15 21.98 0.74
N ALA A 47 18.99 22.07 1.40
CA ALA A 47 18.10 23.21 1.21
C ALA A 47 18.75 24.52 1.69
N LYS A 48 19.57 24.41 2.73
CA LYS A 48 20.14 25.58 3.36
C LYS A 48 21.47 26.01 2.74
N TYR A 49 22.29 25.04 2.33
CA TYR A 49 23.65 25.36 1.93
C TYR A 49 23.94 25.18 0.44
N SER A 50 22.89 25.03 -0.36
CA SER A 50 23.07 24.79 -1.79
C SER A 50 23.60 26.04 -2.49
N GLY A 51 23.29 27.21 -1.95
CA GLY A 51 23.74 28.46 -2.53
C GLY A 51 25.23 28.68 -2.47
N LEU A 52 25.94 27.80 -1.76
CA LEU A 52 27.40 27.85 -1.70
C LEU A 52 28.02 27.70 -3.09
N GLU A 53 29.03 28.49 -3.38
CA GLU A 53 29.75 28.38 -4.64
C GLU A 53 30.95 27.48 -4.49
N LYS A 54 31.65 27.22 -5.59
CA LYS A 54 32.75 26.26 -5.57
C LYS A 54 33.92 26.73 -4.71
N SER A 55 34.46 25.80 -3.93
CA SER A 55 35.61 26.02 -3.04
C SER A 55 35.30 27.01 -1.91
N GLN A 56 34.04 27.44 -1.84
CA GLN A 56 33.56 28.29 -0.76
C GLN A 56 33.26 27.45 0.47
N VAL A 57 33.64 27.93 1.65
CA VAL A 57 33.41 27.18 2.89
C VAL A 57 32.66 28.00 3.94
N SER A 58 31.55 27.46 4.43
CA SER A 58 30.73 28.13 5.43
C SER A 58 31.43 28.23 6.79
N ASP A 59 31.00 29.20 7.59
CA ASP A 59 31.54 29.38 8.93
C ASP A 59 30.77 28.55 9.95
N ASP A 60 29.58 28.09 9.58
CA ASP A 60 28.71 27.32 10.46
C ASP A 60 29.34 25.99 10.88
N ILE A 61 28.91 25.48 12.03
CA ILE A 61 29.28 24.13 12.46
C ILE A 61 28.02 23.31 12.63
N VAL A 62 27.83 22.33 11.73
CA VAL A 62 26.65 21.50 11.82
C VAL A 62 27.04 20.04 12.00
N SER A 63 26.10 19.22 12.43
CA SER A 63 26.34 17.79 12.57
C SER A 63 25.25 16.98 11.84
N VAL A 64 25.71 16.02 11.03
CA VAL A 64 24.81 15.15 10.27
C VAL A 64 25.10 13.68 10.55
N ALA A 65 24.18 12.80 10.16
CA ALA A 65 24.33 11.37 10.40
C ALA A 65 23.56 10.53 9.40
N GLY A 66 24.13 9.41 8.99
CA GLY A 66 23.48 8.55 8.01
C GLY A 66 24.24 7.28 7.74
N ARG A 67 23.91 6.63 6.63
CA ARG A 67 24.59 5.39 6.28
C ARG A 67 25.64 5.56 5.17
N VAL A 68 26.85 5.10 5.41
CA VAL A 68 27.91 5.17 4.42
C VAL A 68 27.68 4.19 3.28
N LEU A 69 27.46 4.69 2.08
CA LEU A 69 27.27 3.81 0.93
C LEU A 69 28.46 3.82 -0.02
N SER A 70 29.34 4.80 0.14
CA SER A 70 30.54 4.88 -0.66
C SER A 70 31.69 5.37 0.19
N LYS A 71 32.82 4.66 0.13
CA LYS A 71 34.04 5.07 0.81
C LYS A 71 35.22 4.90 -0.12
N ARG A 72 35.80 6.01 -0.55
CA ARG A 72 36.95 5.96 -1.44
C ARG A 72 37.86 7.14 -1.16
N SER A 73 39.15 6.91 -1.32
CA SER A 73 40.15 7.90 -0.95
C SER A 73 41.20 8.05 -2.03
N SER A 74 41.53 9.29 -2.39
CA SER A 74 42.61 9.54 -3.32
C SER A 74 43.94 9.71 -2.57
N SER A 75 43.87 9.71 -1.25
CA SER A 75 45.04 9.89 -0.41
C SER A 75 44.78 9.35 1.01
N SER A 76 45.84 9.17 1.78
CA SER A 76 45.68 8.74 3.17
C SER A 76 45.28 9.91 4.06
N ALA A 77 45.29 11.12 3.50
CA ALA A 77 44.92 12.32 4.22
C ALA A 77 43.63 12.93 3.66
N LEU A 78 43.08 12.31 2.63
CA LEU A 78 41.86 12.80 1.97
C LEU A 78 40.94 11.66 1.56
N MET A 79 39.83 11.50 2.28
CA MET A 79 38.86 10.45 2.02
C MET A 79 37.47 11.00 1.68
N PHE A 80 36.77 10.36 0.75
CA PHE A 80 35.43 10.83 0.38
C PHE A 80 34.35 9.79 0.67
N ILE A 81 33.36 10.21 1.45
CA ILE A 81 32.27 9.31 1.85
C ILE A 81 30.89 9.75 1.36
N ASP A 82 30.12 8.84 0.80
CA ASP A 82 28.72 9.15 0.47
C ASP A 82 27.86 8.81 1.66
N LEU A 83 27.37 9.83 2.37
CA LEU A 83 26.50 9.60 3.51
C LEU A 83 25.04 9.74 3.13
N HIS A 84 24.25 8.69 3.36
CA HIS A 84 22.86 8.68 2.93
C HIS A 84 21.86 8.85 4.08
N ASP A 85 21.01 9.85 3.94
CA ASP A 85 19.96 10.17 4.92
C ASP A 85 18.67 10.57 4.19
N SER A 86 17.56 9.96 4.60
CA SER A 86 16.26 10.20 3.99
C SER A 86 16.31 10.10 2.47
N GLN A 87 16.95 9.03 2.00
CA GLN A 87 17.05 8.71 0.58
C GLN A 87 17.74 9.82 -0.22
N THR A 88 18.59 10.59 0.47
CA THR A 88 19.33 11.70 -0.09
C THR A 88 20.80 11.54 0.26
N LYS A 89 21.69 12.03 -0.59
CA LYS A 89 23.12 11.85 -0.38
C LYS A 89 23.86 13.16 -0.09
N LEU A 90 24.82 13.10 0.84
CA LEU A 90 25.74 14.20 1.10
C LEU A 90 27.17 13.65 1.23
N GLN A 91 28.09 14.21 0.46
CA GLN A 91 29.50 13.83 0.54
C GLN A 91 30.17 14.35 1.81
N ILE A 92 31.06 13.53 2.34
CA ILE A 92 31.86 13.87 3.49
C ILE A 92 33.31 13.87 3.04
N MET A 93 33.91 15.05 3.01
CA MET A 93 35.31 15.18 2.65
C MET A 93 36.14 15.15 3.91
N LEU A 94 36.65 13.98 4.25
CA LEU A 94 37.51 13.82 5.40
C LEU A 94 38.92 14.26 5.02
N ASN A 95 39.23 15.50 5.35
CA ASN A 95 40.53 16.10 5.14
C ASN A 95 41.27 16.16 6.47
N LYS A 96 42.43 15.53 6.53
CA LYS A 96 43.16 15.35 7.78
C LYS A 96 43.51 16.67 8.48
N SER A 97 43.96 17.65 7.69
CA SER A 97 44.37 18.94 8.24
C SER A 97 43.21 19.67 8.91
N ALA A 98 41.99 19.36 8.49
CA ALA A 98 40.82 20.05 9.04
C ALA A 98 40.21 19.27 10.20
N TYR A 99 40.72 18.07 10.44
CA TYR A 99 40.23 17.21 11.50
C TYR A 99 40.98 17.51 12.79
N GLU A 100 40.27 17.85 13.85
CA GLU A 100 40.90 18.23 15.11
C GLU A 100 41.77 17.11 15.66
N ASN A 101 41.15 16.05 16.17
CA ASN A 101 41.89 14.92 16.73
C ASN A 101 42.57 14.11 15.65
N LYS A 102 43.85 14.38 15.41
CA LYS A 102 44.53 13.76 14.28
C LYS A 102 44.85 12.29 14.53
N GLU A 103 44.62 11.83 15.76
CA GLU A 103 44.85 10.44 16.10
C GLU A 103 43.59 9.62 15.80
N ASP A 104 42.44 10.17 16.18
CA ASP A 104 41.15 9.56 15.90
C ASP A 104 40.90 9.49 14.40
N PHE A 105 41.46 10.43 13.65
CA PHE A 105 41.28 10.46 12.20
C PHE A 105 41.76 9.16 11.54
N VAL A 106 42.94 8.69 11.93
CA VAL A 106 43.50 7.48 11.33
C VAL A 106 42.66 6.24 11.65
N SER A 107 42.41 6.01 12.94
CA SER A 107 41.65 4.85 13.37
C SER A 107 40.24 4.85 12.79
N LEU A 108 39.61 6.02 12.76
CA LEU A 108 38.27 6.15 12.20
C LEU A 108 38.24 5.86 10.72
N THR A 109 39.06 6.58 9.96
CA THR A 109 39.06 6.44 8.51
C THR A 109 39.47 5.02 8.09
N LYS A 110 40.22 4.33 8.95
CA LYS A 110 40.57 2.95 8.66
C LYS A 110 39.42 2.01 9.01
N MET A 111 38.72 2.30 10.11
CA MET A 111 37.65 1.42 10.64
C MET A 111 36.37 1.41 9.81
N ILE A 112 36.02 2.57 9.25
CA ILE A 112 34.77 2.75 8.53
C ILE A 112 34.60 1.72 7.42
N TYR A 113 33.46 1.05 7.46
CA TYR A 113 33.10 0.02 6.48
C TYR A 113 31.84 0.44 5.75
N ARG A 114 31.73 0.09 4.47
CA ARG A 114 30.55 0.47 3.70
C ARG A 114 29.32 -0.19 4.30
N GLY A 115 28.37 0.63 4.74
CA GLY A 115 27.17 0.15 5.39
C GLY A 115 27.07 0.68 6.81
N ASP A 116 28.16 1.26 7.30
CA ASP A 116 28.20 1.78 8.66
C ASP A 116 27.31 3.00 8.79
N ILE A 117 26.66 3.13 9.94
CA ILE A 117 25.97 4.35 10.30
C ILE A 117 26.94 5.27 11.03
N CYS A 118 27.19 6.45 10.46
CA CYS A 118 28.15 7.39 11.05
C CYS A 118 27.57 8.78 11.26
N GLY A 119 28.18 9.50 12.21
CA GLY A 119 27.91 10.90 12.45
C GLY A 119 29.15 11.74 12.16
N PHE A 120 28.93 12.98 11.76
CA PHE A 120 30.03 13.91 11.48
C PHE A 120 29.66 15.35 11.88
N THR A 121 30.64 16.08 12.38
CA THR A 121 30.44 17.48 12.74
C THR A 121 31.50 18.37 12.09
N GLY A 122 31.06 19.40 11.39
CA GLY A 122 32.00 20.26 10.69
C GLY A 122 31.34 21.32 9.84
N HIS A 123 32.08 21.78 8.83
CA HIS A 123 31.67 22.92 8.01
C HIS A 123 31.08 22.52 6.66
N PRO A 124 29.89 23.04 6.33
CA PRO A 124 29.37 22.92 4.96
C PRO A 124 30.32 23.56 3.95
N THR A 125 30.35 23.03 2.73
CA THR A 125 31.18 23.56 1.66
C THR A 125 30.69 23.08 0.31
N ARG A 126 31.15 23.73 -0.75
CA ARG A 126 31.01 23.16 -2.09
C ARG A 126 32.41 23.07 -2.70
N THR A 127 32.83 21.85 -3.03
CA THR A 127 34.16 21.61 -3.56
C THR A 127 34.38 22.27 -4.90
N LYS A 128 35.62 22.23 -5.37
CA LYS A 128 35.95 22.79 -6.68
C LYS A 128 35.32 21.95 -7.80
N THR A 129 34.98 20.70 -7.48
CA THR A 129 34.32 19.83 -8.45
C THR A 129 32.80 20.05 -8.48
N GLY A 130 32.30 20.88 -7.59
CA GLY A 130 30.88 21.22 -7.55
C GLY A 130 30.06 20.42 -6.55
N GLU A 131 30.70 19.46 -5.87
CA GLU A 131 30.00 18.56 -4.97
C GLU A 131 29.77 19.20 -3.60
N LEU A 132 28.51 19.40 -3.23
CA LEU A 132 28.15 19.88 -1.89
C LEU A 132 28.60 18.86 -0.85
N SER A 133 29.33 19.32 0.14
CA SER A 133 29.95 18.43 1.11
C SER A 133 30.01 19.03 2.51
N LEU A 134 30.52 18.22 3.44
CA LEU A 134 30.82 18.67 4.79
C LEU A 134 32.24 18.25 5.15
N ILE A 135 33.00 19.21 5.69
CA ILE A 135 34.35 18.94 6.16
C ILE A 135 34.35 18.78 7.67
N PRO A 136 34.53 17.54 8.13
CA PRO A 136 34.42 17.17 9.54
C PRO A 136 35.58 17.66 10.39
N ILE A 137 35.23 18.27 11.53
CA ILE A 137 36.18 18.51 12.61
C ILE A 137 36.34 17.23 13.40
N SER A 138 35.21 16.51 13.52
CA SER A 138 35.15 15.25 14.24
C SER A 138 34.10 14.34 13.62
N GLY A 139 34.16 13.06 13.97
CA GLY A 139 33.17 12.10 13.52
C GLY A 139 33.31 10.81 14.28
N MET A 140 32.29 9.94 14.18
CA MET A 140 32.37 8.64 14.82
C MET A 140 31.41 7.61 14.23
N ILE A 141 31.73 6.34 14.48
CA ILE A 141 30.89 5.22 14.10
C ILE A 141 29.70 5.18 15.05
N LEU A 142 28.50 5.27 14.49
CA LEU A 142 27.29 5.21 15.31
C LEU A 142 26.72 3.79 15.37
N SER A 143 26.90 3.03 14.30
CA SER A 143 26.54 1.61 14.33
C SER A 143 27.23 0.87 13.19
N PRO A 144 28.03 -0.15 13.51
CA PRO A 144 28.78 -0.90 12.49
C PRO A 144 27.93 -1.91 11.73
N CYS A 145 28.16 -2.00 10.43
CA CYS A 145 27.50 -3.01 9.57
C CYS A 145 28.34 -4.28 9.50
N LEU A 146 27.71 -5.42 9.82
CA LEU A 146 28.45 -6.68 9.98
C LEU A 146 28.32 -7.60 8.78
N HIS A 147 27.67 -7.11 7.72
CA HIS A 147 27.54 -7.86 6.49
C HIS A 147 27.82 -7.01 5.26
N MET A 148 28.00 -7.66 4.13
CA MET A 148 28.20 -6.95 2.86
C MET A 148 26.86 -6.52 2.26
N LEU A 149 26.60 -5.21 2.29
CA LEU A 149 25.44 -4.66 1.61
C LEU A 149 25.51 -4.94 0.13
N PRO A 150 24.39 -5.37 -0.47
CA PRO A 150 24.40 -5.64 -1.91
C PRO A 150 24.69 -4.36 -2.68
N SER A 151 25.05 -4.50 -3.96
CA SER A 151 25.33 -3.34 -4.79
C SER A 151 24.09 -2.48 -4.93
N MET A 152 24.23 -1.35 -5.61
CA MET A 152 23.08 -0.50 -5.86
C MET A 152 22.96 -0.25 -7.36
N HIS A 153 21.86 -0.69 -7.97
CA HIS A 153 20.76 -1.36 -7.29
C HIS A 153 20.95 -2.88 -7.29
N TYR A 154 19.94 -3.60 -6.82
CA TYR A 154 20.05 -5.04 -6.68
C TYR A 154 18.68 -5.67 -6.49
N GLY A 155 18.42 -6.75 -7.23
CA GLY A 155 17.15 -7.45 -7.16
C GLY A 155 16.07 -6.69 -7.91
N LEU A 156 16.15 -6.71 -9.24
CA LEU A 156 15.15 -6.07 -10.08
C LEU A 156 14.96 -6.91 -11.35
N GLY A 157 13.87 -7.68 -11.43
CA GLY A 157 12.85 -7.72 -10.41
C GLY A 157 13.18 -8.60 -9.22
N ASP A 158 13.13 -9.92 -9.41
CA ASP A 158 13.42 -10.89 -8.36
C ASP A 158 12.69 -10.51 -7.07
N GLN A 159 11.36 -10.43 -7.15
CA GLN A 159 10.55 -9.93 -6.04
C GLN A 159 10.79 -10.69 -4.75
N GLU A 160 11.13 -11.97 -4.86
CA GLU A 160 11.38 -12.82 -3.70
C GLU A 160 12.38 -12.20 -2.74
N THR A 161 13.63 -12.13 -3.17
CA THR A 161 14.70 -11.56 -2.35
C THR A 161 14.35 -10.16 -1.84
N ARG A 162 13.66 -9.39 -2.66
CA ARG A 162 13.28 -8.03 -2.30
C ARG A 162 12.36 -7.98 -1.09
N PHE A 163 11.29 -8.77 -1.14
CA PHE A 163 10.23 -8.66 -0.16
C PHE A 163 10.48 -9.52 1.07
N ARG A 164 11.38 -10.48 0.94
CA ARG A 164 11.89 -11.20 2.10
C ARG A 164 12.53 -10.20 3.04
N LYS A 165 13.58 -9.56 2.53
CA LYS A 165 14.36 -8.61 3.31
C LYS A 165 14.05 -7.17 2.90
N ARG A 166 12.86 -6.68 3.28
CA ARG A 166 12.42 -5.33 2.94
C ARG A 166 13.42 -4.25 3.38
N TYR A 167 14.12 -4.51 4.48
CA TYR A 167 15.10 -3.58 5.04
C TYR A 167 16.32 -3.41 4.11
N LEU A 168 16.68 -4.43 3.36
CA LEU A 168 17.74 -4.30 2.38
C LEU A 168 17.23 -3.57 1.15
N ASP A 169 16.03 -3.95 0.74
CA ASP A 169 15.42 -3.38 -0.46
C ASP A 169 15.35 -1.87 -0.35
N LEU A 170 14.83 -1.39 0.78
CA LEU A 170 14.65 0.05 1.02
C LEU A 170 15.96 0.79 0.94
N ILE A 171 17.05 0.09 1.25
CA ILE A 171 18.39 0.67 1.21
C ILE A 171 18.95 0.70 -0.22
N VAL A 172 19.00 -0.45 -0.89
CA VAL A 172 19.57 -0.52 -2.23
C VAL A 172 18.61 -0.04 -3.33
N ASN A 173 17.31 -0.02 -3.04
CA ASN A 173 16.33 0.53 -3.98
C ASN A 173 15.52 1.66 -3.37
N PRO A 174 16.20 2.76 -2.98
CA PRO A 174 15.56 3.83 -2.20
C PRO A 174 14.33 4.46 -2.87
N GLU A 175 14.28 4.39 -4.19
CA GLU A 175 13.13 4.86 -4.96
C GLU A 175 11.84 4.24 -4.45
N SER A 176 11.95 3.02 -3.92
CA SER A 176 10.78 2.27 -3.47
C SER A 176 10.08 3.00 -2.32
N VAL A 177 10.85 3.74 -1.52
CA VAL A 177 10.27 4.48 -0.41
C VAL A 177 9.21 5.46 -0.91
N LYS A 178 9.40 5.96 -2.12
CA LYS A 178 8.47 6.91 -2.72
C LYS A 178 7.04 6.36 -2.71
N ASN A 179 6.94 5.04 -2.87
CA ASN A 179 5.66 4.37 -2.88
C ASN A 179 4.94 4.48 -1.54
N PHE A 180 5.66 4.15 -0.48
CA PHE A 180 5.03 4.08 0.82
C PHE A 180 4.66 5.47 1.34
N VAL A 181 5.54 6.45 1.10
CA VAL A 181 5.22 7.85 1.35
C VAL A 181 3.94 8.27 0.63
N LEU A 182 3.70 7.69 -0.56
CA LEU A 182 2.48 8.02 -1.28
C LEU A 182 1.31 7.40 -0.53
N ARG A 183 1.45 6.14 -0.15
CA ARG A 183 0.36 5.43 0.51
C ARG A 183 -0.14 6.18 1.75
N THR A 184 0.77 6.65 2.60
CA THR A 184 0.31 7.35 3.79
C THR A 184 -0.39 8.64 3.36
N LYS A 185 0.18 9.33 2.36
CA LYS A 185 -0.42 10.54 1.83
C LYS A 185 -1.87 10.28 1.48
N VAL A 186 -2.12 9.08 0.94
CA VAL A 186 -3.48 8.68 0.59
C VAL A 186 -4.38 8.64 1.83
N VAL A 187 -4.00 7.89 2.87
CA VAL A 187 -4.92 7.72 3.99
C VAL A 187 -5.20 9.07 4.67
N LYS A 188 -4.18 9.91 4.80
CA LYS A 188 -4.37 11.23 5.39
C LYS A 188 -5.40 11.99 4.59
N ALA A 189 -5.29 11.89 3.27
CA ALA A 189 -6.22 12.56 2.37
C ALA A 189 -7.64 12.13 2.67
N VAL A 190 -7.88 10.84 2.89
CA VAL A 190 -9.26 10.45 3.11
C VAL A 190 -9.64 10.89 4.52
N ARG A 191 -8.73 10.73 5.48
CA ARG A 191 -9.07 11.05 6.87
C ARG A 191 -9.51 12.50 6.96
N LYS A 192 -8.62 13.39 6.51
CA LYS A 192 -8.93 14.80 6.40
C LYS A 192 -10.29 15.02 5.78
N TYR A 193 -10.49 14.46 4.58
CA TYR A 193 -11.73 14.70 3.84
C TYR A 193 -12.94 14.37 4.68
N LEU A 194 -12.86 13.26 5.41
CA LEU A 194 -14.01 12.82 6.19
C LEU A 194 -14.10 13.58 7.50
N ASP A 195 -12.94 13.87 8.09
CA ASP A 195 -12.91 14.51 9.41
C ASP A 195 -13.53 15.90 9.30
N ASP A 196 -13.17 16.60 8.24
CA ASP A 196 -13.69 17.93 7.98
C ASP A 196 -15.17 17.95 7.65
N LYS A 197 -15.80 16.78 7.56
CA LYS A 197 -17.24 16.72 7.29
C LYS A 197 -18.01 16.18 8.49
N GLY A 198 -17.34 16.03 9.63
CA GLY A 198 -18.00 15.63 10.86
C GLY A 198 -18.00 14.15 11.14
N PHE A 199 -17.20 13.41 10.38
CA PHE A 199 -17.12 11.98 10.60
C PHE A 199 -16.33 11.69 11.86
N LEU A 200 -16.78 10.68 12.60
CA LEU A 200 -16.04 10.20 13.74
C LEU A 200 -15.26 8.95 13.33
N GLU A 201 -13.93 9.04 13.38
CA GLU A 201 -13.09 7.88 13.13
C GLU A 201 -13.14 6.91 14.31
N VAL A 202 -13.49 5.66 14.06
CA VAL A 202 -13.73 4.70 15.14
C VAL A 202 -12.89 3.44 14.99
N GLU A 203 -12.98 2.56 15.99
CA GLU A 203 -12.41 1.22 15.91
C GLU A 203 -13.43 0.17 16.33
N THR A 204 -13.65 -0.81 15.45
CA THR A 204 -14.58 -1.90 15.73
C THR A 204 -13.80 -3.21 15.81
N PRO A 205 -14.40 -4.27 16.38
CA PRO A 205 -13.67 -5.52 16.60
C PRO A 205 -13.10 -6.16 15.35
N ILE A 206 -11.95 -6.80 15.53
CA ILE A 206 -11.36 -7.63 14.50
C ILE A 206 -11.72 -9.08 14.78
N LEU A 207 -11.88 -9.41 16.06
CA LEU A 207 -12.32 -10.73 16.47
C LEU A 207 -13.82 -10.78 16.72
N ASN A 208 -14.49 -11.76 16.11
CA ASN A 208 -15.93 -11.96 16.29
C ASN A 208 -16.25 -13.39 16.67
N THR A 209 -17.34 -13.57 17.41
CA THR A 209 -17.79 -14.90 17.79
C THR A 209 -18.70 -15.48 16.70
N ILE A 210 -19.08 -14.64 15.75
CA ILE A 210 -19.92 -15.03 14.62
C ILE A 210 -19.13 -14.91 13.32
N PRO A 211 -19.14 -15.97 12.50
CA PRO A 211 -18.33 -16.08 11.28
C PRO A 211 -18.62 -15.05 10.17
N GLY A 212 -19.86 -14.60 10.06
CA GLY A 212 -20.21 -13.67 8.99
C GLY A 212 -20.82 -14.38 7.81
N GLY A 213 -21.87 -13.82 7.25
CA GLY A 213 -22.64 -14.48 6.20
C GLY A 213 -21.98 -14.58 4.84
N ALA A 214 -20.92 -13.80 4.63
CA ALA A 214 -20.24 -13.78 3.35
C ALA A 214 -19.53 -15.10 3.07
N THR A 215 -19.48 -15.48 1.79
CA THR A 215 -18.92 -16.77 1.40
C THR A 215 -17.40 -16.83 1.55
N ALA A 216 -16.78 -15.67 1.72
CA ALA A 216 -15.33 -15.58 1.86
C ALA A 216 -14.81 -16.40 3.04
N ARG A 217 -13.75 -17.15 2.81
CA ARG A 217 -13.16 -17.99 3.83
C ARG A 217 -12.39 -17.16 4.86
N PRO A 218 -12.76 -17.30 6.14
CA PRO A 218 -12.16 -16.52 7.23
C PRO A 218 -11.01 -17.23 7.95
N PHE A 219 -10.11 -16.45 8.54
CA PHE A 219 -9.12 -16.99 9.46
C PHE A 219 -9.81 -17.32 10.78
N ILE A 220 -9.51 -18.49 11.32
CA ILE A 220 -10.17 -18.95 12.53
C ILE A 220 -9.19 -19.10 13.67
N THR A 221 -9.58 -18.62 14.85
CA THR A 221 -8.72 -18.67 16.03
C THR A 221 -9.54 -19.05 17.25
N HIS A 222 -8.90 -19.07 18.41
CA HIS A 222 -9.57 -19.56 19.62
C HIS A 222 -9.24 -18.71 20.85
N HIS A 223 -10.28 -18.30 21.58
CA HIS A 223 -10.06 -17.64 22.87
C HIS A 223 -10.16 -18.64 24.01
N ASN A 224 -9.09 -18.68 24.81
CA ASN A 224 -8.86 -19.72 25.81
C ASN A 224 -9.75 -19.63 27.05
N GLN A 225 -9.76 -18.46 27.69
CA GLN A 225 -10.56 -18.28 28.89
C GLN A 225 -12.04 -18.48 28.60
N LEU A 226 -12.54 -17.89 27.52
CA LEU A 226 -13.95 -18.02 27.17
C LEU A 226 -14.22 -19.39 26.53
N ASP A 227 -13.15 -20.09 26.18
CA ASP A 227 -13.22 -21.39 25.51
C ASP A 227 -14.13 -21.34 24.29
N ILE A 228 -13.95 -20.32 23.45
CA ILE A 228 -14.81 -20.19 22.28
C ILE A 228 -14.01 -19.97 21.01
N GLN A 229 -14.59 -20.39 19.89
CA GLN A 229 -13.97 -20.17 18.60
C GLN A 229 -14.32 -18.77 18.08
N MET A 230 -13.32 -18.07 17.56
CA MET A 230 -13.51 -16.71 17.05
C MET A 230 -13.01 -16.56 15.61
N TYR A 231 -13.51 -15.54 14.92
CA TYR A 231 -13.20 -15.32 13.51
C TYR A 231 -12.73 -13.90 13.23
N MET A 232 -11.66 -13.78 12.43
CA MET A 232 -11.18 -12.47 11.99
C MET A 232 -12.12 -11.84 10.97
N ARG A 233 -12.28 -10.53 11.06
CA ARG A 233 -13.31 -9.82 10.33
C ARG A 233 -13.10 -9.79 8.83
N ILE A 234 -14.20 -9.86 8.09
CA ILE A 234 -14.19 -9.72 6.63
C ILE A 234 -14.52 -8.28 6.25
N ALA A 235 -15.26 -7.60 7.12
CA ALA A 235 -15.61 -6.20 6.95
C ALA A 235 -16.21 -5.63 8.24
N PRO A 236 -16.01 -4.33 8.48
CA PRO A 236 -16.55 -3.64 9.66
C PRO A 236 -18.02 -3.21 9.54
N GLU A 237 -18.62 -3.45 8.38
CA GLU A 237 -19.93 -2.89 8.01
C GLU A 237 -20.96 -2.91 9.13
N LEU A 238 -21.19 -4.10 9.69
CA LEU A 238 -22.26 -4.28 10.65
C LEU A 238 -22.11 -3.42 11.91
N TYR A 239 -20.92 -3.39 12.48
CA TYR A 239 -20.66 -2.60 13.68
C TYR A 239 -20.86 -1.11 13.44
N LEU A 240 -20.29 -0.60 12.35
CA LEU A 240 -20.46 0.80 11.94
C LEU A 240 -21.92 1.17 11.77
N LYS A 241 -22.67 0.29 11.09
CA LYS A 241 -24.10 0.49 10.93
C LYS A 241 -24.82 0.53 12.26
N GLU A 242 -24.37 -0.30 13.20
CA GLU A 242 -24.90 -0.29 14.55
C GLU A 242 -24.63 1.05 15.21
N LEU A 243 -23.51 1.67 14.84
CA LEU A 243 -23.17 2.97 15.37
C LEU A 243 -24.10 4.04 14.81
N VAL A 244 -24.50 3.88 13.55
CA VAL A 244 -25.40 4.85 12.97
C VAL A 244 -26.81 4.69 13.57
N VAL A 245 -27.19 3.44 13.87
CA VAL A 245 -28.43 3.20 14.61
C VAL A 245 -28.39 3.90 15.97
N GLY A 246 -27.22 3.85 16.60
CA GLY A 246 -27.03 4.38 17.95
C GLY A 246 -26.92 5.88 18.05
N GLY A 247 -27.07 6.59 16.94
CA GLY A 247 -27.09 8.05 17.00
C GLY A 247 -25.86 8.79 16.50
N ILE A 248 -24.78 8.06 16.19
CA ILE A 248 -23.61 8.65 15.56
C ILE A 248 -23.80 8.64 14.03
N ASN A 249 -24.11 9.81 13.46
CA ASN A 249 -24.60 9.92 12.10
C ASN A 249 -23.58 9.69 11.00
N ARG A 250 -22.32 10.00 11.29
CA ARG A 250 -21.26 9.84 10.30
C ARG A 250 -20.04 9.18 10.90
N VAL A 251 -19.80 7.94 10.50
CA VAL A 251 -18.65 7.20 11.04
C VAL A 251 -17.80 6.63 9.92
N TYR A 252 -16.50 6.46 10.19
CA TYR A 252 -15.64 5.73 9.27
C TYR A 252 -14.52 4.97 9.97
N GLU A 253 -14.09 3.88 9.33
CA GLU A 253 -12.93 3.14 9.82
C GLU A 253 -12.01 2.78 8.67
N ILE A 254 -10.71 2.97 8.91
CA ILE A 254 -9.68 2.56 7.96
C ILE A 254 -8.95 1.38 8.59
N GLY A 255 -9.40 0.18 8.24
CA GLY A 255 -8.99 -0.99 8.97
C GLY A 255 -8.44 -2.15 8.19
N ARG A 256 -7.95 -3.11 8.96
CA ARG A 256 -7.29 -4.30 8.45
C ARG A 256 -8.30 -5.43 8.38
N LEU A 257 -8.53 -5.94 7.17
CA LEU A 257 -9.43 -7.05 6.96
C LEU A 257 -8.60 -8.28 6.62
N PHE A 258 -9.20 -9.46 6.79
CA PHE A 258 -8.47 -10.72 6.64
C PHE A 258 -9.26 -11.75 5.82
N ARG A 259 -8.64 -12.24 4.76
CA ARG A 259 -9.24 -13.30 3.93
C ARG A 259 -8.31 -14.51 3.80
N ASN A 260 -8.78 -15.65 4.29
CA ASN A 260 -8.00 -16.88 4.29
C ASN A 260 -8.05 -17.58 2.92
N GLU A 261 -7.55 -16.89 1.90
CA GLU A 261 -7.58 -17.42 0.54
C GLU A 261 -6.21 -17.37 -0.10
N GLY A 262 -6.18 -17.32 -1.43
CA GLY A 262 -4.94 -17.39 -2.19
C GLY A 262 -4.12 -16.11 -2.18
N ILE A 263 -2.88 -16.23 -2.61
CA ILE A 263 -1.97 -15.09 -2.69
C ILE A 263 -1.53 -14.84 -4.14
N ASP A 264 -1.99 -13.74 -4.72
CA ASP A 264 -1.49 -13.32 -6.02
C ASP A 264 -1.20 -11.82 -6.03
N GLN A 265 -0.86 -11.29 -7.21
CA GLN A 265 -0.38 -9.92 -7.33
C GLN A 265 -1.40 -8.85 -6.92
N THR A 266 -2.65 -9.23 -6.76
CA THR A 266 -3.67 -8.27 -6.34
C THR A 266 -4.37 -8.71 -5.06
N HIS A 267 -3.81 -9.74 -4.41
CA HIS A 267 -4.38 -10.29 -3.19
C HIS A 267 -3.32 -10.63 -2.15
N ASN A 268 -3.41 -9.97 -0.99
CA ASN A 268 -2.64 -10.32 0.19
C ASN A 268 -3.61 -10.83 1.27
N PRO A 269 -3.18 -11.81 2.09
CA PRO A 269 -4.01 -12.36 3.17
C PRO A 269 -4.68 -11.29 4.05
N GLU A 270 -3.92 -10.26 4.44
CA GLU A 270 -4.47 -9.15 5.19
C GLU A 270 -4.34 -7.86 4.40
N PHE A 271 -5.42 -7.10 4.30
CA PHE A 271 -5.40 -5.89 3.48
C PHE A 271 -6.11 -4.76 4.19
N THR A 272 -6.11 -3.57 3.59
CA THR A 272 -6.67 -2.40 4.27
C THR A 272 -7.75 -1.72 3.46
N THR A 273 -8.91 -1.51 4.06
CA THR A 273 -9.92 -0.71 3.35
C THR A 273 -10.43 0.42 4.22
N CYS A 274 -11.11 1.36 3.58
CA CYS A 274 -11.84 2.36 4.32
C CYS A 274 -13.34 2.17 4.07
N GLU A 275 -14.11 2.12 5.15
CA GLU A 275 -15.56 2.13 5.02
C GLU A 275 -16.10 3.35 5.75
N PHE A 276 -17.10 4.01 5.18
CA PHE A 276 -17.83 4.98 5.97
C PHE A 276 -19.32 4.90 5.71
N TYR A 277 -20.07 5.28 6.74
CA TYR A 277 -21.51 5.37 6.68
C TYR A 277 -21.96 6.76 7.11
N MET A 278 -22.95 7.27 6.39
CA MET A 278 -23.36 8.67 6.48
C MET A 278 -24.87 8.81 6.40
N ALA A 279 -25.51 9.02 7.55
CA ALA A 279 -26.96 9.14 7.60
C ALA A 279 -27.50 10.25 6.72
N TYR A 280 -28.66 10.00 6.11
CA TYR A 280 -29.40 10.97 5.30
C TYR A 280 -28.71 11.31 3.97
N ALA A 281 -27.80 10.44 3.53
CA ALA A 281 -27.13 10.58 2.24
C ALA A 281 -27.42 9.37 1.36
N ASP A 282 -27.40 9.57 0.03
CA ASP A 282 -27.59 8.46 -0.93
C ASP A 282 -26.34 8.28 -1.80
N TYR A 283 -26.41 7.33 -2.73
CA TYR A 283 -25.22 7.00 -3.52
C TYR A 283 -24.82 8.08 -4.52
N ASN A 284 -25.76 8.97 -4.85
CA ASN A 284 -25.41 10.14 -5.66
C ASN A 284 -24.47 11.07 -4.90
N ASP A 285 -24.84 11.36 -3.66
CA ASP A 285 -24.03 12.17 -2.78
C ASP A 285 -22.64 11.55 -2.68
N ILE A 286 -22.61 10.24 -2.45
CA ILE A 286 -21.35 9.52 -2.31
C ILE A 286 -20.53 9.57 -3.61
N MET A 287 -21.22 9.62 -4.74
CA MET A 287 -20.56 9.75 -6.05
C MET A 287 -19.80 11.06 -6.16
N LYS A 288 -20.48 12.16 -5.81
CA LYS A 288 -19.84 13.47 -5.81
C LYS A 288 -18.71 13.56 -4.79
N MET A 289 -18.91 12.94 -3.63
CA MET A 289 -17.86 12.89 -2.62
C MET A 289 -16.63 12.17 -3.15
N THR A 290 -16.86 11.07 -3.85
CA THR A 290 -15.77 10.26 -4.38
C THR A 290 -14.97 11.06 -5.41
N GLU A 291 -15.68 11.68 -6.35
CA GLU A 291 -15.06 12.62 -7.30
C GLU A 291 -14.17 13.64 -6.57
N GLU A 292 -14.77 14.37 -5.62
CA GLU A 292 -14.06 15.36 -4.81
C GLU A 292 -12.77 14.82 -4.19
N LEU A 293 -12.90 13.80 -3.37
CA LEU A 293 -11.78 13.16 -2.68
C LEU A 293 -10.64 12.70 -3.59
N LEU A 294 -10.96 11.87 -4.58
CA LEU A 294 -9.93 11.37 -5.49
C LEU A 294 -9.26 12.50 -6.25
N GLY A 295 -10.07 13.49 -6.62
CA GLY A 295 -9.56 14.69 -7.29
C GLY A 295 -8.52 15.38 -6.44
N ASN A 296 -8.88 15.67 -5.20
CA ASN A 296 -7.93 16.25 -4.24
C ASN A 296 -6.63 15.46 -4.15
N MET A 297 -6.74 14.13 -4.09
CA MET A 297 -5.53 13.29 -4.03
C MET A 297 -4.63 13.49 -5.25
N VAL A 298 -5.22 13.36 -6.44
CA VAL A 298 -4.45 13.50 -7.68
C VAL A 298 -3.81 14.89 -7.80
N LYS A 299 -4.54 15.92 -7.41
CA LYS A 299 -4.01 17.27 -7.47
C LYS A 299 -2.91 17.50 -6.44
N ASP A 300 -2.97 16.78 -5.32
CA ASP A 300 -1.88 16.79 -4.36
C ASP A 300 -0.65 16.20 -5.04
N ILE A 301 -0.84 15.11 -5.77
CA ILE A 301 0.26 14.44 -6.44
C ILE A 301 0.89 15.28 -7.56
N THR A 302 0.07 16.03 -8.29
CA THR A 302 0.55 16.71 -9.49
C THR A 302 0.43 18.24 -9.47
N GLY A 303 -0.72 18.75 -9.03
CA GLY A 303 -1.05 20.15 -9.16
C GLY A 303 -2.32 20.31 -9.99
N GLY A 304 -2.47 19.46 -11.01
CA GLY A 304 -3.69 19.39 -11.82
C GLY A 304 -4.36 18.04 -11.60
N SER A 305 -5.58 17.89 -12.12
CA SER A 305 -6.34 16.66 -11.85
C SER A 305 -6.23 15.65 -12.98
N THR A 306 -5.12 15.73 -13.71
CA THR A 306 -4.83 14.75 -14.76
C THR A 306 -3.51 14.05 -14.44
N LYS A 307 -3.56 12.74 -14.24
CA LYS A 307 -2.33 12.02 -13.90
C LYS A 307 -1.78 11.21 -15.07
N LEU A 308 -0.47 11.11 -15.15
CA LEU A 308 0.19 10.37 -16.21
C LEU A 308 0.62 9.00 -15.71
N GLU A 309 0.45 7.98 -16.55
CA GLU A 309 0.75 6.59 -16.23
C GLU A 309 1.39 5.86 -17.41
N ILE A 310 1.89 4.64 -17.18
CA ILE A 310 2.53 3.85 -18.24
C ILE A 310 1.52 3.21 -19.22
N LYS A 311 1.86 3.23 -20.52
CA LYS A 311 1.17 2.52 -21.63
C LYS A 311 -0.13 3.19 -22.10
N LYS A 377 5.50 3.29 -22.78
CA LYS A 377 5.57 4.64 -22.23
C LYS A 377 4.16 5.21 -22.06
N LYS A 378 3.97 6.52 -22.13
CA LYS A 378 2.91 7.19 -21.38
C LYS A 378 1.42 7.12 -21.81
N MET A 379 0.55 7.68 -20.96
CA MET A 379 -0.92 7.70 -21.09
C MET A 379 -1.47 8.60 -19.97
N VAL A 380 -2.69 9.15 -20.10
CA VAL A 380 -3.24 9.93 -18.99
C VAL A 380 -4.60 9.47 -18.44
N LEU A 381 -4.66 9.27 -17.13
CA LEU A 381 -5.91 9.09 -16.41
C LEU A 381 -6.47 10.46 -16.01
N ASP A 382 -7.66 10.76 -16.52
CA ASP A 382 -8.31 12.05 -16.30
C ASP A 382 -9.29 12.04 -15.13
N PHE A 383 -8.79 12.39 -13.94
CA PHE A 383 -9.59 12.43 -12.72
C PHE A 383 -10.43 13.70 -12.58
N THR A 384 -10.63 14.41 -13.69
CA THR A 384 -11.40 15.65 -13.67
C THR A 384 -12.87 15.37 -13.46
N ALA A 385 -13.51 16.15 -12.60
CA ALA A 385 -14.92 15.99 -12.30
C ALA A 385 -15.77 16.65 -13.38
N PRO A 386 -16.91 16.04 -13.72
CA PRO A 386 -17.40 14.76 -13.17
C PRO A 386 -16.83 13.53 -13.86
N PHE A 387 -16.85 12.39 -13.17
CA PHE A 387 -16.49 11.12 -13.80
C PHE A 387 -17.62 10.69 -14.72
N LYS A 388 -17.29 9.97 -15.79
CA LYS A 388 -18.34 9.39 -16.62
C LYS A 388 -19.11 8.38 -15.79
N ARG A 389 -20.42 8.25 -16.05
CA ARG A 389 -21.19 7.24 -15.37
C ARG A 389 -22.14 6.54 -16.33
N ILE A 390 -22.25 5.22 -16.19
CA ILE A 390 -23.11 4.44 -17.06
C ILE A 390 -24.03 3.52 -16.24
N SER A 391 -25.19 3.19 -16.80
CA SER A 391 -26.06 2.20 -16.19
C SER A 391 -25.66 0.82 -16.69
N TYR A 392 -25.67 -0.16 -15.78
CA TYR A 392 -25.24 -1.53 -16.06
C TYR A 392 -25.94 -2.14 -17.27
N VAL A 393 -27.20 -2.50 -17.06
CA VAL A 393 -28.00 -3.16 -18.10
C VAL A 393 -28.14 -2.29 -19.35
N HIS A 394 -28.09 -0.97 -19.19
CA HIS A 394 -28.22 -0.06 -20.32
C HIS A 394 -26.99 -0.07 -21.22
N ALA A 395 -25.81 -0.26 -20.63
CA ALA A 395 -24.59 -0.39 -21.41
C ALA A 395 -24.55 -1.76 -22.06
N LEU A 396 -25.00 -2.77 -21.31
CA LEU A 396 -25.10 -4.12 -21.88
C LEU A 396 -26.01 -4.13 -23.10
N GLU A 397 -27.13 -3.44 -23.00
CA GLU A 397 -28.08 -3.33 -24.11
C GLU A 397 -27.59 -2.40 -25.22
N GLU A 398 -26.76 -1.42 -24.86
CA GLU A 398 -26.16 -0.53 -25.85
C GLU A 398 -25.25 -1.32 -26.77
N LYS A 399 -24.45 -2.20 -26.19
CA LYS A 399 -23.48 -2.96 -26.98
C LYS A 399 -24.09 -4.24 -27.58
N PHE A 400 -25.15 -4.75 -26.96
CA PHE A 400 -25.87 -5.91 -27.48
C PHE A 400 -26.48 -5.62 -28.85
N GLY A 401 -27.25 -4.53 -28.91
CA GLY A 401 -27.97 -4.16 -30.11
C GLY A 401 -29.35 -3.65 -29.74
N GLU A 402 -29.99 -4.37 -28.82
CA GLU A 402 -31.28 -3.94 -28.30
C GLU A 402 -31.51 -4.50 -26.90
N LYS A 403 -32.68 -4.24 -26.35
CA LYS A 403 -32.98 -4.53 -24.95
C LYS A 403 -32.93 -6.00 -24.53
N ILE A 404 -32.93 -6.20 -23.21
CA ILE A 404 -33.07 -7.52 -22.60
C ILE A 404 -34.53 -7.70 -22.17
N PRO A 405 -35.09 -8.90 -22.41
CA PRO A 405 -36.46 -9.21 -21.96
C PRO A 405 -36.68 -8.90 -20.48
N ARG A 406 -37.88 -8.45 -20.13
CA ARG A 406 -38.20 -8.09 -18.75
C ARG A 406 -38.43 -9.37 -17.91
N PRO A 407 -38.77 -9.24 -16.60
CA PRO A 407 -38.14 -10.15 -15.64
C PRO A 407 -36.78 -10.67 -16.06
N LEU A 408 -35.75 -9.90 -15.70
CA LEU A 408 -34.37 -10.22 -16.03
C LEU A 408 -33.94 -11.55 -15.44
N ASP A 409 -34.56 -11.94 -14.33
CA ASP A 409 -34.27 -13.22 -13.70
C ASP A 409 -35.19 -14.32 -14.22
N GLY A 410 -35.91 -14.02 -15.30
CA GLY A 410 -36.81 -14.96 -15.94
C GLY A 410 -36.16 -15.75 -17.07
N PRO A 411 -36.78 -16.86 -17.48
CA PRO A 411 -36.26 -17.82 -18.46
C PRO A 411 -35.99 -17.24 -19.86
N GLU A 412 -36.93 -16.45 -20.36
CA GLU A 412 -36.80 -15.80 -21.67
C GLU A 412 -35.59 -14.86 -21.69
N ALA A 413 -35.39 -14.13 -20.61
CA ALA A 413 -34.24 -13.23 -20.48
C ALA A 413 -32.93 -14.01 -20.54
N LEU A 414 -32.94 -15.18 -19.91
CA LEU A 414 -31.75 -16.04 -19.88
C LEU A 414 -31.43 -16.63 -21.27
N THR A 415 -32.45 -17.20 -21.90
CA THR A 415 -32.28 -17.76 -23.24
C THR A 415 -31.87 -16.67 -24.23
N PHE A 416 -32.30 -15.44 -23.95
CA PHE A 416 -31.85 -14.29 -24.72
C PHE A 416 -30.36 -14.07 -24.50
N LEU A 417 -29.98 -13.94 -23.23
CA LEU A 417 -28.62 -13.62 -22.85
C LEU A 417 -27.61 -14.63 -23.41
N LYS A 418 -27.98 -15.90 -23.40
CA LYS A 418 -27.08 -16.95 -23.87
C LYS A 418 -26.73 -16.76 -25.34
N LYS A 419 -27.71 -16.30 -26.11
CA LYS A 419 -27.52 -16.05 -27.54
C LYS A 419 -26.44 -15.00 -27.78
N GLN A 420 -26.38 -14.00 -26.90
CA GLN A 420 -25.33 -13.00 -26.99
C GLN A 420 -24.03 -13.55 -26.39
N ALA A 421 -24.16 -14.51 -25.50
CA ALA A 421 -23.01 -15.15 -24.86
C ALA A 421 -22.23 -15.96 -25.89
N ILE A 422 -22.94 -16.48 -26.88
CA ILE A 422 -22.29 -17.19 -27.96
C ILE A 422 -21.95 -16.23 -29.10
N ARG A 423 -22.84 -15.27 -29.36
CA ARG A 423 -22.63 -14.29 -30.43
C ARG A 423 -21.38 -13.46 -30.20
N PHE A 424 -21.21 -13.01 -28.97
CA PHE A 424 -20.14 -12.09 -28.62
C PHE A 424 -18.97 -12.78 -27.95
N ASN A 425 -19.14 -12.99 -26.65
CA ASN A 425 -18.06 -13.40 -25.76
C ASN A 425 -17.25 -14.58 -26.27
N ALA A 426 -17.94 -15.55 -26.87
CA ALA A 426 -17.35 -16.85 -27.20
C ALA A 426 -16.81 -17.53 -25.94
N ILE A 427 -17.15 -16.93 -24.78
CA ILE A 427 -16.75 -17.45 -23.47
C ILE A 427 -17.94 -17.33 -22.52
N CYS A 428 -18.07 -18.32 -21.64
CA CYS A 428 -19.02 -18.31 -20.55
C CYS A 428 -18.70 -19.49 -19.64
N ALA A 429 -19.49 -19.71 -18.60
CA ALA A 429 -19.20 -20.80 -17.68
C ALA A 429 -20.45 -21.49 -17.15
N GLU A 430 -20.25 -22.58 -16.41
CA GLU A 430 -21.33 -23.27 -15.72
C GLU A 430 -21.03 -23.30 -14.21
N PRO A 431 -22.09 -23.28 -13.36
CA PRO A 431 -23.53 -23.22 -13.64
C PRO A 431 -23.95 -21.93 -14.35
N GLN A 432 -24.93 -22.04 -15.25
CA GLN A 432 -25.34 -20.91 -16.07
C GLN A 432 -26.57 -20.21 -15.51
N THR A 433 -26.42 -19.63 -14.32
CA THR A 433 -27.47 -18.79 -13.75
C THR A 433 -27.48 -17.47 -14.51
N THR A 434 -28.60 -16.76 -14.45
CA THR A 434 -28.70 -15.48 -15.14
C THR A 434 -27.64 -14.52 -14.62
N ALA A 435 -27.44 -14.53 -13.32
CA ALA A 435 -26.44 -13.68 -12.68
C ALA A 435 -25.03 -13.91 -13.23
N ARG A 436 -24.68 -15.17 -13.46
CA ARG A 436 -23.30 -15.51 -13.84
C ARG A 436 -23.03 -15.28 -15.33
N VAL A 437 -24.01 -15.57 -16.18
CA VAL A 437 -23.86 -15.30 -17.59
C VAL A 437 -23.85 -13.79 -17.80
N MET A 438 -24.69 -13.08 -17.05
CA MET A 438 -24.72 -11.62 -17.10
C MET A 438 -23.39 -11.05 -16.62
N ASP A 439 -22.82 -11.69 -15.60
CA ASP A 439 -21.56 -11.25 -15.01
C ASP A 439 -20.37 -11.46 -15.95
N LYS A 440 -20.36 -12.58 -16.66
CA LYS A 440 -19.25 -12.83 -17.57
C LYS A 440 -19.41 -11.94 -18.80
N LEU A 441 -20.66 -11.81 -19.24
CA LEU A 441 -20.98 -10.94 -20.37
C LEU A 441 -20.44 -9.55 -20.07
N PHE A 442 -20.95 -8.91 -19.02
CA PHE A 442 -20.44 -7.62 -18.59
C PHE A 442 -18.92 -7.65 -18.40
N GLY A 443 -18.42 -8.80 -17.95
CA GLY A 443 -17.03 -8.99 -17.58
C GLY A 443 -16.02 -8.85 -18.69
N ASP A 444 -16.30 -9.38 -19.87
CA ASP A 444 -15.35 -9.22 -20.97
C ASP A 444 -15.93 -8.43 -22.15
N LEU A 445 -17.19 -8.00 -22.05
CA LEU A 445 -17.79 -7.20 -23.11
C LEU A 445 -17.59 -5.69 -22.85
N ILE A 446 -17.74 -5.27 -21.60
CA ILE A 446 -17.64 -3.84 -21.28
C ILE A 446 -16.69 -3.51 -20.13
N GLU A 447 -16.72 -4.35 -19.08
CA GLU A 447 -15.76 -4.23 -17.97
C GLU A 447 -14.36 -4.09 -18.51
N VAL A 448 -14.06 -4.74 -19.62
CA VAL A 448 -12.85 -4.49 -20.33
C VAL A 448 -13.19 -3.98 -21.78
N ASP A 449 -12.85 -2.70 -22.05
CA ASP A 449 -12.21 -1.94 -20.94
C ASP A 449 -12.93 -0.63 -20.53
N LEU A 450 -12.69 -0.23 -19.27
CA LEU A 450 -13.22 0.95 -18.58
C LEU A 450 -12.01 1.62 -17.96
N VAL A 451 -11.17 2.24 -18.79
CA VAL A 451 -9.87 2.71 -18.34
C VAL A 451 -9.96 4.03 -17.55
N GLN A 452 -10.64 5.02 -18.10
CA GLN A 452 -10.84 6.28 -17.40
C GLN A 452 -11.75 6.06 -16.19
N PRO A 453 -11.59 6.87 -15.14
CA PRO A 453 -12.45 6.65 -13.97
C PRO A 453 -13.92 6.81 -14.35
N THR A 454 -14.73 5.82 -13.98
CA THR A 454 -16.13 5.79 -14.39
C THR A 454 -16.99 5.00 -13.42
N PHE A 455 -18.17 5.54 -13.08
CA PHE A 455 -19.10 4.86 -12.18
C PHE A 455 -20.05 3.93 -12.94
N VAL A 456 -20.04 2.63 -12.64
CA VAL A 456 -21.07 1.76 -13.19
C VAL A 456 -22.17 1.59 -12.15
N CYS A 457 -23.39 1.97 -12.52
CA CYS A 457 -24.47 2.15 -11.55
C CYS A 457 -25.69 1.28 -11.83
N ASP A 458 -26.56 1.20 -10.82
CA ASP A 458 -27.87 0.58 -10.93
C ASP A 458 -27.83 -0.89 -11.35
N GLN A 459 -26.99 -1.66 -10.68
CA GLN A 459 -26.93 -3.11 -10.89
C GLN A 459 -28.29 -3.75 -10.59
N PRO A 460 -28.60 -4.86 -11.27
CA PRO A 460 -29.89 -5.50 -11.02
C PRO A 460 -29.95 -6.17 -9.65
N GLN A 461 -31.15 -6.53 -9.18
CA GLN A 461 -31.30 -7.30 -7.96
C GLN A 461 -30.68 -8.69 -8.12
N LEU A 462 -30.66 -9.16 -9.36
CA LEU A 462 -30.03 -10.43 -9.70
C LEU A 462 -28.60 -10.43 -9.20
N MET A 463 -27.91 -9.30 -9.37
CA MET A 463 -26.51 -9.18 -8.99
C MET A 463 -26.36 -8.69 -7.54
N SER A 464 -27.40 -8.04 -7.02
CA SER A 464 -27.31 -7.35 -5.74
C SER A 464 -28.29 -7.88 -4.70
N PRO A 465 -27.84 -8.86 -3.90
CA PRO A 465 -28.72 -9.51 -2.92
C PRO A 465 -29.02 -8.62 -1.72
N LEU A 466 -28.02 -7.89 -1.23
CA LEU A 466 -28.15 -7.18 0.03
C LEU A 466 -28.27 -5.68 -0.16
N ALA A 467 -28.81 -5.26 -1.30
CA ALA A 467 -28.94 -3.84 -1.60
C ALA A 467 -30.40 -3.37 -1.55
N LYS A 468 -30.59 -2.05 -1.62
CA LYS A 468 -31.93 -1.48 -1.64
C LYS A 468 -32.41 -1.30 -3.08
N TYR A 469 -33.69 -1.57 -3.31
CA TYR A 469 -34.28 -1.40 -4.64
C TYR A 469 -34.20 0.05 -5.14
N HIS A 470 -33.97 0.21 -6.44
CA HIS A 470 -33.98 1.51 -7.09
C HIS A 470 -35.34 2.18 -6.92
N ARG A 471 -35.35 3.50 -6.77
CA ARG A 471 -36.57 4.22 -6.40
C ARG A 471 -37.48 4.53 -7.58
N SER A 472 -36.95 4.43 -8.80
CA SER A 472 -37.74 4.78 -9.99
C SER A 472 -37.90 3.62 -10.97
N GLU A 473 -36.78 3.09 -11.46
CA GLU A 473 -36.85 2.00 -12.44
C GLU A 473 -36.70 0.62 -11.80
N PRO A 474 -37.55 -0.32 -12.23
CA PRO A 474 -37.71 -1.63 -11.60
C PRO A 474 -36.59 -2.61 -11.92
N GLU A 475 -36.41 -3.58 -11.02
CA GLU A 475 -35.40 -4.64 -11.15
C GLU A 475 -33.97 -4.11 -11.12
N LEU A 476 -33.79 -2.88 -10.64
CA LEU A 476 -32.46 -2.33 -10.43
C LEU A 476 -32.29 -1.92 -8.97
N THR A 477 -31.05 -1.71 -8.53
CA THR A 477 -30.77 -1.27 -7.17
C THR A 477 -29.95 0.02 -7.15
N GLU A 478 -29.83 0.61 -5.96
CA GLU A 478 -29.14 1.88 -5.80
C GLU A 478 -27.69 1.71 -5.30
N ARG A 479 -26.79 1.41 -6.23
CA ARG A 479 -25.38 1.26 -5.93
C ARG A 479 -24.54 1.88 -7.03
N PHE A 480 -23.23 1.82 -6.87
CA PHE A 480 -22.31 1.98 -7.97
C PHE A 480 -20.99 1.30 -7.64
N GLU A 481 -20.25 0.94 -8.68
CA GLU A 481 -18.87 0.50 -8.53
C GLU A 481 -17.98 1.40 -9.39
N LEU A 482 -16.98 2.02 -8.76
CA LEU A 482 -16.06 2.87 -9.49
C LEU A 482 -14.96 2.04 -10.16
N PHE A 483 -14.95 2.08 -11.49
CA PHE A 483 -13.91 1.42 -12.27
C PHE A 483 -12.85 2.41 -12.75
N ILE A 484 -11.59 2.02 -12.55
CA ILE A 484 -10.43 2.72 -13.11
C ILE A 484 -9.41 1.69 -13.58
N LEU A 485 -8.89 1.89 -14.78
CA LEU A 485 -7.95 0.96 -15.41
C LEU A 485 -8.44 -0.49 -15.41
N LYS A 486 -9.70 -0.71 -15.80
CA LYS A 486 -10.28 -2.05 -15.85
C LYS A 486 -10.41 -2.72 -14.47
N ARG A 487 -10.26 -1.94 -13.41
CA ARG A 487 -10.34 -2.51 -12.06
C ARG A 487 -11.40 -1.80 -11.21
N GLU A 488 -11.89 -2.48 -10.18
CA GLU A 488 -12.78 -1.85 -9.20
C GLU A 488 -11.99 -1.24 -8.03
N ILE A 489 -12.18 0.05 -7.78
CA ILE A 489 -11.42 0.76 -6.75
C ILE A 489 -12.23 1.06 -5.48
N ALA A 490 -13.47 1.50 -5.71
CA ALA A 490 -14.40 1.81 -4.64
C ALA A 490 -15.81 1.37 -5.00
N ASN A 491 -16.73 1.54 -4.06
CA ASN A 491 -18.14 1.24 -4.29
C ASN A 491 -19.01 1.86 -3.23
N ALA A 492 -20.28 2.07 -3.55
CA ALA A 492 -21.19 2.69 -2.61
C ALA A 492 -22.63 2.21 -2.76
N TYR A 493 -23.44 2.51 -1.76
CA TYR A 493 -24.82 2.04 -1.71
C TYR A 493 -25.72 3.08 -1.07
N THR A 494 -26.97 3.10 -1.50
CA THR A 494 -28.06 3.63 -0.66
C THR A 494 -28.54 2.45 0.19
N GLU A 495 -27.98 2.34 1.39
CA GLU A 495 -28.07 1.13 2.20
C GLU A 495 -29.50 0.67 2.49
N LEU A 496 -29.67 -0.64 2.47
CA LEU A 496 -30.95 -1.26 2.80
C LEU A 496 -31.20 -1.11 4.29
N ASN A 497 -32.33 -0.50 4.65
CA ASN A 497 -32.66 -0.23 6.06
C ASN A 497 -33.99 -0.84 6.50
N ASN A 498 -34.60 -1.61 5.60
CA ASN A 498 -35.79 -2.40 5.92
C ASN A 498 -35.43 -3.68 6.68
N PRO A 499 -35.76 -3.72 7.98
CA PRO A 499 -35.35 -4.81 8.89
C PRO A 499 -35.97 -6.17 8.55
N ILE A 500 -37.17 -6.16 7.99
CA ILE A 500 -37.84 -7.40 7.64
C ILE A 500 -37.20 -8.05 6.42
N VAL A 501 -37.01 -7.22 5.39
CA VAL A 501 -36.31 -7.64 4.18
C VAL A 501 -34.88 -8.05 4.51
N GLN A 502 -34.21 -7.26 5.36
CA GLN A 502 -32.86 -7.58 5.78
C GLN A 502 -32.80 -8.95 6.46
N ARG A 503 -33.78 -9.24 7.31
CA ARG A 503 -33.82 -10.53 7.96
C ARG A 503 -33.96 -11.63 6.91
N SER A 504 -34.93 -11.49 6.01
CA SER A 504 -35.13 -12.45 4.94
C SER A 504 -33.83 -12.74 4.21
N ASN A 505 -33.14 -11.67 3.81
CA ASN A 505 -31.89 -11.78 3.07
C ASN A 505 -30.79 -12.47 3.87
N PHE A 506 -30.77 -12.27 5.18
CA PHE A 506 -29.75 -12.90 6.00
C PHE A 506 -30.01 -14.40 6.15
N GLU A 507 -31.28 -14.74 6.33
CA GLU A 507 -31.66 -16.16 6.46
C GLU A 507 -31.42 -16.91 5.15
N GLN A 508 -31.72 -16.24 4.04
CA GLN A 508 -31.48 -16.76 2.69
C GLN A 508 -29.98 -16.96 2.45
N GLN A 509 -29.19 -15.95 2.82
CA GLN A 509 -27.72 -16.04 2.75
C GLN A 509 -27.21 -17.26 3.52
N ALA A 510 -27.70 -17.43 4.74
CA ALA A 510 -27.31 -18.56 5.60
C ALA A 510 -27.64 -19.87 4.95
N LYS A 511 -28.85 -19.97 4.42
CA LYS A 511 -29.26 -21.13 3.64
C LYS A 511 -28.37 -21.44 2.43
N ASP A 512 -27.98 -20.42 1.68
CA ASP A 512 -27.13 -20.65 0.51
C ASP A 512 -25.74 -21.10 0.90
N LYS A 513 -25.26 -20.57 2.03
CA LYS A 513 -23.91 -20.87 2.48
C LYS A 513 -23.76 -22.32 2.93
N ALA A 514 -24.86 -22.92 3.38
CA ALA A 514 -24.86 -24.30 3.83
C ALA A 514 -24.82 -25.27 2.64
N LEU A 522 -25.14 -19.99 12.06
CA LEU A 522 -25.72 -18.92 12.84
C LEU A 522 -25.74 -17.60 12.07
N VAL A 523 -26.72 -16.75 12.39
CA VAL A 523 -26.89 -15.46 11.73
C VAL A 523 -26.76 -14.35 12.78
N ASP A 524 -26.38 -13.15 12.33
CA ASP A 524 -26.09 -12.06 13.28
C ASP A 524 -27.36 -11.41 13.82
N GLU A 525 -27.89 -11.98 14.90
CA GLU A 525 -29.14 -11.49 15.48
C GLU A 525 -28.99 -10.14 16.15
N VAL A 526 -27.79 -9.86 16.63
CA VAL A 526 -27.52 -8.59 17.28
C VAL A 526 -27.74 -7.45 16.31
N PHE A 527 -27.19 -7.61 15.11
CA PHE A 527 -27.30 -6.59 14.07
C PHE A 527 -28.75 -6.44 13.63
N LEU A 528 -29.44 -7.57 13.53
CA LEU A 528 -30.83 -7.56 13.09
C LEU A 528 -31.68 -6.79 14.10
N ASP A 529 -31.44 -7.05 15.39
CA ASP A 529 -32.11 -6.32 16.46
C ASP A 529 -31.84 -4.83 16.31
N ALA A 530 -30.57 -4.50 16.12
CA ALA A 530 -30.15 -3.12 15.98
C ALA A 530 -30.96 -2.40 14.90
N ILE A 531 -31.09 -2.99 13.72
CA ILE A 531 -31.76 -2.22 12.68
C ILE A 531 -33.26 -2.34 12.81
N GLU A 532 -33.73 -3.33 13.59
CA GLU A 532 -35.14 -3.42 13.92
C GLU A 532 -35.52 -2.26 14.84
N HIS A 533 -34.52 -1.70 15.51
CA HIS A 533 -34.75 -0.52 16.33
C HIS A 533 -34.73 0.79 15.53
N ALA A 534 -34.83 0.69 14.20
CA ALA A 534 -34.89 1.81 13.24
C ALA A 534 -33.51 2.33 12.82
N PHE A 535 -33.14 1.97 11.58
CA PHE A 535 -31.87 2.41 10.96
C PHE A 535 -32.17 3.53 9.95
N PRO A 536 -31.63 4.74 10.21
CA PRO A 536 -31.86 5.90 9.34
C PRO A 536 -31.45 5.63 7.91
N PRO A 537 -32.08 6.32 6.95
CA PRO A 537 -31.57 6.24 5.57
C PRO A 537 -30.12 6.66 5.57
N THR A 538 -29.26 5.84 4.97
CA THR A 538 -27.81 5.99 5.11
C THR A 538 -27.07 5.70 3.81
N GLY A 539 -26.00 6.44 3.54
CA GLY A 539 -25.11 6.14 2.43
C GLY A 539 -23.90 5.36 2.89
N GLY A 540 -23.57 4.30 2.16
CA GLY A 540 -22.42 3.47 2.48
C GLY A 540 -21.34 3.54 1.42
N TRP A 541 -20.07 3.54 1.85
CA TRP A 541 -18.94 3.67 0.94
C TRP A 541 -17.76 2.80 1.35
N GLY A 542 -17.13 2.18 0.37
CA GLY A 542 -15.94 1.38 0.61
C GLY A 542 -14.85 1.64 -0.41
N LEU A 543 -13.62 1.76 0.06
CA LEU A 543 -12.47 1.98 -0.81
C LEU A 543 -11.35 1.00 -0.50
N GLY A 544 -10.74 0.43 -1.54
CA GLY A 544 -9.56 -0.41 -1.34
C GLY A 544 -8.30 0.42 -1.26
N ILE A 545 -7.67 0.48 -0.08
CA ILE A 545 -6.49 1.33 0.11
C ILE A 545 -5.27 0.83 -0.65
N ASP A 546 -4.96 -0.45 -0.46
CA ASP A 546 -3.83 -1.07 -1.15
C ASP A 546 -3.95 -0.88 -2.67
N ARG A 547 -5.14 -1.12 -3.21
CA ARG A 547 -5.33 -1.04 -4.65
C ARG A 547 -5.32 0.39 -5.19
N LEU A 548 -5.79 1.34 -4.38
CA LEU A 548 -5.74 2.73 -4.77
C LEU A 548 -4.28 3.21 -4.80
N ALA A 549 -3.53 2.85 -3.78
CA ALA A 549 -2.09 3.13 -3.76
C ALA A 549 -1.40 2.47 -4.96
N MET A 550 -1.76 1.22 -5.26
CA MET A 550 -1.23 0.53 -6.44
C MET A 550 -1.44 1.37 -7.68
N LEU A 551 -2.67 1.83 -7.85
CA LEU A 551 -3.06 2.58 -9.03
C LEU A 551 -2.33 3.91 -9.13
N LEU A 552 -2.09 4.55 -8.00
CA LEU A 552 -1.48 5.87 -8.01
C LEU A 552 0.04 5.84 -8.02
N ALA A 553 0.63 4.71 -7.66
CA ALA A 553 2.08 4.61 -7.69
C ALA A 553 2.51 4.02 -9.02
N ASP A 554 1.51 3.61 -9.81
CA ASP A 554 1.71 3.01 -11.12
C ASP A 554 2.50 1.70 -11.06
N VAL A 555 2.03 0.80 -10.19
CA VAL A 555 2.65 -0.52 -10.00
C VAL A 555 1.62 -1.62 -10.22
N ASP A 556 2.06 -2.76 -10.73
CA ASP A 556 1.12 -3.83 -11.07
C ASP A 556 1.11 -4.95 -10.04
N ASN A 557 1.84 -4.76 -8.94
CA ASN A 557 1.89 -5.76 -7.89
C ASN A 557 1.60 -5.15 -6.53
N ILE A 558 0.74 -5.79 -5.76
CA ILE A 558 0.27 -5.25 -4.49
C ILE A 558 1.35 -5.25 -3.42
N LYS A 559 2.37 -6.10 -3.60
CA LYS A 559 3.46 -6.16 -2.65
C LYS A 559 4.31 -4.89 -2.74
N GLU A 560 4.19 -4.18 -3.86
CA GLU A 560 4.92 -2.94 -4.07
C GLU A 560 4.43 -1.79 -3.19
N VAL A 561 3.27 -1.98 -2.55
CA VAL A 561 2.69 -0.94 -1.71
C VAL A 561 2.36 -1.47 -0.31
N ILE A 562 2.78 -2.71 -0.03
CA ILE A 562 2.68 -3.30 1.29
C ILE A 562 4.08 -3.56 1.83
N LEU A 563 4.40 -2.99 2.99
CA LEU A 563 5.76 -3.04 3.52
C LEU A 563 6.25 -4.47 3.71
N PHE A 564 5.50 -5.29 4.42
CA PHE A 564 5.91 -6.67 4.66
C PHE A 564 4.83 -7.65 4.20
N PRO A 565 4.70 -7.87 2.89
CA PRO A 565 3.68 -8.77 2.38
C PRO A 565 3.92 -10.20 2.85
N THR A 566 2.87 -11.02 2.84
CA THR A 566 2.97 -12.36 3.42
C THR A 566 3.76 -13.29 2.50
N MET A 567 4.76 -13.95 3.06
CA MET A 567 5.68 -14.78 2.30
C MET A 567 5.59 -16.25 2.68
N ARG A 568 5.55 -17.11 1.67
CA ARG A 568 5.66 -18.55 1.87
C ARG A 568 7.05 -18.85 2.43
N PRO A 569 7.10 -19.40 3.65
CA PRO A 569 8.38 -19.63 4.36
C PRO A 569 9.36 -20.47 3.52
N GLU A 570 10.47 -19.85 3.16
CA GLU A 570 11.50 -20.46 2.33
C GLU A 570 12.16 -21.64 3.05
N ASP A 571 12.01 -22.84 2.51
CA ASP A 571 12.64 -24.00 3.11
C ASP A 571 14.12 -24.06 2.72
N GLU A 572 14.74 -25.21 2.95
CA GLU A 572 16.19 -25.34 2.85
C GLU A 572 16.73 -25.24 1.43
N LEU A 573 15.95 -25.67 0.45
CA LEU A 573 16.40 -25.67 -0.95
C LEU A 573 16.75 -24.27 -1.43
N GLU A 574 15.76 -23.38 -1.44
CA GLU A 574 15.98 -22.02 -1.93
C GLU A 574 16.80 -21.19 -0.95
N LYS A 575 16.81 -21.57 0.32
CA LYS A 575 17.66 -20.90 1.29
C LYS A 575 19.13 -21.15 0.95
N LYS A 576 19.47 -22.43 0.81
CA LYS A 576 20.79 -22.86 0.38
C LYS A 576 21.17 -22.23 -0.96
N ALA A 577 20.24 -22.24 -1.91
CA ALA A 577 20.50 -21.71 -3.25
C ALA A 577 20.78 -20.21 -3.21
N ARG A 578 19.97 -19.50 -2.44
CA ARG A 578 20.12 -18.06 -2.25
C ARG A 578 21.47 -17.72 -1.65
N GLU A 579 21.75 -18.27 -0.47
CA GLU A 579 23.00 -17.99 0.21
C GLU A 579 24.20 -18.37 -0.69
N ALA A 580 24.05 -19.46 -1.44
CA ALA A 580 25.04 -19.88 -2.42
C ALA A 580 25.31 -18.80 -3.47
N LYS A 581 24.26 -18.22 -4.03
CA LYS A 581 24.46 -17.20 -5.07
C LYS A 581 25.07 -15.96 -4.44
N GLU A 582 24.68 -15.66 -3.20
CA GLU A 582 25.22 -14.51 -2.49
C GLU A 582 26.72 -14.64 -2.33
N ASP A 583 27.19 -15.86 -2.08
CA ASP A 583 28.63 -16.07 -2.00
C ASP A 583 29.30 -16.09 -3.37
N ALA A 584 28.58 -16.59 -4.36
CA ALA A 584 29.06 -16.57 -5.74
C ALA A 584 29.35 -15.13 -6.18
N MET A 585 28.61 -14.18 -5.62
CA MET A 585 28.88 -12.76 -5.84
C MET A 585 30.27 -12.35 -5.33
N VAL A 586 30.52 -12.65 -4.05
CA VAL A 586 31.79 -12.31 -3.44
C VAL A 586 32.94 -12.94 -4.23
N ALA A 587 32.75 -14.19 -4.64
CA ALA A 587 33.74 -14.86 -5.51
C ALA A 587 33.90 -14.10 -6.83
N GLN A 588 32.80 -13.54 -7.34
CA GLN A 588 32.85 -12.75 -8.57
C GLN A 588 33.69 -11.50 -8.36
N GLU A 589 33.83 -11.06 -7.11
CA GLU A 589 34.73 -9.94 -6.83
C GLU A 589 36.20 -10.34 -6.64
N LYS A 590 36.45 -11.24 -5.69
CA LYS A 590 37.82 -11.53 -5.27
C LYS A 590 38.73 -12.13 -6.34
N ALA A 591 38.14 -12.75 -7.37
CA ALA A 591 38.94 -13.38 -8.41
C ALA A 591 39.07 -12.49 -9.64
PG ANP B . -11.16 -9.32 -7.00
O1G ANP B . -11.73 -8.09 -7.80
O2G ANP B . -10.53 -8.82 -5.64
O3G ANP B . -10.10 -9.99 -7.81
PB ANP B . -13.00 -10.36 -5.10
O1B ANP B . -14.20 -11.24 -5.00
O2B ANP B . -11.92 -10.86 -4.08
N3B ANP B . -12.38 -10.47 -6.66
PA ANP B . -14.60 -8.53 -3.77
O1A ANP B . -15.90 -8.51 -4.58
O2A ANP B . -14.64 -9.48 -2.64
O3A ANP B . -13.41 -8.88 -4.78
O5' ANP B . -14.25 -7.10 -3.17
C5' ANP B . -13.02 -6.95 -2.45
C4' ANP B . -12.66 -5.51 -2.16
O4' ANP B . -11.66 -5.46 -1.12
C3' ANP B . -12.03 -4.76 -3.33
O3' ANP B . -12.24 -3.35 -3.22
C2' ANP B . -10.54 -5.11 -3.21
O2' ANP B . -9.78 -3.95 -3.53
C1' ANP B . -10.37 -5.46 -1.72
N9 ANP B . -9.73 -6.77 -1.45
C8 ANP B . -10.37 -7.95 -1.22
N7 ANP B . -9.56 -8.96 -0.99
C5 ANP B . -8.29 -8.37 -1.07
C6 ANP B . -7.00 -8.91 -0.91
N6 ANP B . -6.74 -10.19 -0.64
N1 ANP B . -5.96 -8.06 -1.05
C2 ANP B . -6.20 -6.77 -1.33
N3 ANP B . -7.38 -6.17 -1.49
C4 ANP B . -8.39 -7.02 -1.36
#